data_1URO
#
_entry.id   1URO
#
_cell.length_a   103.000
_cell.length_b   103.000
_cell.length_c   73.700
_cell.angle_alpha   90.00
_cell.angle_beta   90.00
_cell.angle_gamma   120.00
#
_symmetry.space_group_name_H-M   'P 31 2 1'
#
loop_
_entity.id
_entity.type
_entity.pdbx_description
1 polymer 'PROTEIN (UROPORPHYRINOGEN DECARBOXYLASE)'
2 non-polymer BETA-MERCAPTOETHANOL
3 water water
#
_entity_poly.entity_id   1
_entity_poly.type   'polypeptide(L)'
_entity_poly.pdbx_seq_one_letter_code
;MEANGLGPQGFPELKNDTFLRAAWGEETDYTPVWCMRQAGRYLPEFRETRAAQDFFSTCRSPEACCELTLQPLRRFPLDA
AIIFSDILVVPQALGMEVTMVPGKGPSFPEPLREEQDLERLRDPEVVASELGYVFQAITLTRQRLAGRVPLIGFAGAPWT
LMTYMVEGGGSSTMAQAKRWLYQRPQASHQLLRILTDALVPYLVGQVVAGAQALQLFESHAGHLGPQLFNKFALPYIRDV
AKQVKARLREAGLAPVPMIIFAKDGHFALEELAQAGYEVVGLDWTVAPKKARECVGKTVTLQGNLDPCALYASEEEIGQL
VKQMLDDFGPHRYIANLGHGLYPDMDPEHVGAFVDAVHKHSRLLRQN
;
_entity_poly.pdbx_strand_id   A
#
loop_
_chem_comp.id
_chem_comp.type
_chem_comp.name
_chem_comp.formula
BME non-polymer BETA-MERCAPTOETHANOL 'C2 H6 O S'
#
# COMPACT_ATOMS: atom_id res chain seq x y z
N GLY A 10 -7.96 -10.31 21.62
CA GLY A 10 -7.16 -11.58 21.77
C GLY A 10 -5.74 -11.63 21.21
N PHE A 11 -5.10 -10.47 20.99
CA PHE A 11 -3.74 -10.43 20.41
C PHE A 11 -2.77 -9.84 21.38
N PRO A 12 -1.46 -10.07 21.16
CA PRO A 12 -0.49 -9.50 22.09
C PRO A 12 -0.58 -7.96 22.06
N GLU A 13 -0.38 -7.34 23.19
CA GLU A 13 -0.42 -5.89 23.23
C GLU A 13 0.80 -5.31 22.48
N LEU A 14 0.57 -4.22 21.75
CA LEU A 14 1.62 -3.60 20.97
C LEU A 14 2.74 -2.98 21.84
N LYS A 15 3.98 -3.28 21.55
CA LYS A 15 5.09 -2.74 22.31
C LYS A 15 5.55 -1.42 21.67
N ASN A 16 5.92 -1.45 20.39
CA ASN A 16 6.38 -0.23 19.74
C ASN A 16 5.23 0.34 18.88
N ASP A 17 4.58 1.43 19.32
CA ASP A 17 3.47 1.99 18.53
C ASP A 17 3.83 3.35 17.85
N THR A 18 5.11 3.62 17.70
CA THR A 18 5.60 4.85 17.10
C THR A 18 4.93 5.10 15.75
N PHE A 19 4.87 4.05 14.92
CA PHE A 19 4.22 4.18 13.65
C PHE A 19 2.80 4.67 13.77
N LEU A 20 2.01 4.12 14.69
CA LEU A 20 0.59 4.53 14.78
C LEU A 20 0.45 5.94 15.32
N ARG A 21 1.27 6.26 16.30
CA ARG A 21 1.24 7.62 16.85
C ARG A 21 1.56 8.69 15.79
N ALA A 22 2.58 8.43 14.96
CA ALA A 22 2.90 9.34 13.85
C ALA A 22 1.76 9.41 12.85
N ALA A 23 1.12 8.26 12.57
CA ALA A 23 0.03 8.21 11.63
C ALA A 23 -1.12 9.07 12.08
N TRP A 24 -1.36 9.08 13.40
CA TRP A 24 -2.44 9.93 13.95
C TRP A 24 -2.00 11.40 14.11
N GLY A 25 -0.74 11.71 13.86
CA GLY A 25 -0.29 13.08 13.90
C GLY A 25 0.35 13.46 15.21
N GLU A 26 0.60 12.49 16.08
CA GLU A 26 1.21 12.81 17.35
C GLU A 26 2.69 12.91 17.31
N GLU A 27 3.25 13.68 18.25
CA GLU A 27 4.70 13.85 18.36
C GLU A 27 5.25 12.52 18.84
N THR A 28 6.42 12.12 18.35
CA THR A 28 7.04 10.86 18.74
C THR A 28 8.50 11.17 18.98
N ASP A 29 9.24 10.25 19.58
CA ASP A 29 10.65 10.47 19.89
C ASP A 29 11.61 10.38 18.73
N TYR A 30 11.16 9.73 17.66
CA TYR A 30 11.98 9.56 16.46
C TYR A 30 10.98 9.33 15.32
N THR A 31 11.47 9.38 14.08
CA THR A 31 10.55 9.18 12.96
C THR A 31 10.44 7.68 12.67
N PRO A 32 9.23 7.11 12.66
CA PRO A 32 9.13 5.69 12.38
C PRO A 32 9.36 5.47 10.86
N VAL A 33 9.85 4.30 10.48
CA VAL A 33 10.14 4.00 9.10
C VAL A 33 9.82 2.57 8.72
N TRP A 34 9.25 2.39 7.52
CA TRP A 34 9.01 1.08 6.95
C TRP A 34 9.28 1.22 5.42
N CYS A 35 9.34 0.12 4.68
CA CYS A 35 9.60 0.22 3.22
C CYS A 35 8.60 -0.60 2.41
N MET A 36 7.99 0.02 1.39
CA MET A 36 7.09 -0.72 0.51
C MET A 36 7.94 -1.84 -0.10
N ARG A 37 7.38 -3.03 -0.15
CA ARG A 37 8.07 -4.23 -0.63
C ARG A 37 9.16 -4.68 0.27
N GLN A 38 9.11 -4.34 1.56
CA GLN A 38 10.17 -4.79 2.45
C GLN A 38 10.21 -6.32 2.43
N ALA A 39 9.09 -6.99 2.17
CA ALA A 39 9.17 -8.45 1.95
C ALA A 39 9.23 -8.49 0.39
N GLY A 40 10.42 -8.73 -0.15
CA GLY A 40 10.56 -8.76 -1.60
C GLY A 40 11.81 -9.47 -2.05
N ARG A 41 11.94 -9.58 -3.38
CA ARG A 41 13.04 -10.32 -4.00
C ARG A 41 14.42 -9.83 -3.69
N TYR A 42 14.57 -8.62 -3.15
CA TYR A 42 15.92 -8.16 -2.84
C TYR A 42 16.53 -9.01 -1.67
N LEU A 43 15.66 -9.72 -0.95
CA LEU A 43 16.10 -10.58 0.15
C LEU A 43 16.26 -12.01 -0.38
N PRO A 44 17.43 -12.62 -0.20
CA PRO A 44 17.61 -14.00 -0.67
C PRO A 44 16.61 -14.97 -0.03
N GLU A 45 16.33 -14.77 1.27
CA GLU A 45 15.40 -15.63 1.99
C GLU A 45 13.99 -15.54 1.44
N PHE A 46 13.63 -14.39 0.85
CA PHE A 46 12.31 -14.24 0.24
C PHE A 46 12.22 -15.13 -1.00
N ARG A 47 13.26 -15.06 -1.84
CA ARG A 47 13.31 -15.87 -3.07
C ARG A 47 13.21 -17.34 -2.72
N GLU A 48 14.01 -17.78 -1.76
CA GLU A 48 13.94 -19.19 -1.32
C GLU A 48 12.55 -19.63 -0.81
N THR A 49 11.93 -18.85 0.09
CA THR A 49 10.59 -19.16 0.55
C THR A 49 9.61 -19.14 -0.66
N ARG A 50 9.72 -18.13 -1.53
CA ARG A 50 8.83 -18.10 -2.67
C ARG A 50 9.05 -19.22 -3.68
N ALA A 51 10.25 -19.80 -3.72
CA ALA A 51 10.51 -20.89 -4.66
C ALA A 51 9.74 -22.19 -4.30
N ALA A 52 9.23 -22.29 -3.06
CA ALA A 52 8.48 -23.48 -2.59
C ALA A 52 7.19 -23.72 -3.39
N GLN A 53 6.57 -22.65 -3.87
CA GLN A 53 5.35 -22.79 -4.67
C GLN A 53 5.21 -21.65 -5.68
N ASP A 54 4.09 -21.66 -6.42
CA ASP A 54 3.77 -20.62 -7.40
C ASP A 54 3.26 -19.37 -6.64
N PHE A 55 3.42 -18.19 -7.23
CA PHE A 55 3.00 -16.94 -6.56
C PHE A 55 1.69 -16.90 -5.74
N PHE A 56 0.57 -17.18 -6.39
CA PHE A 56 -0.73 -17.14 -5.70
C PHE A 56 -0.95 -18.27 -4.67
N SER A 57 -0.17 -19.35 -4.80
CA SER A 57 -0.23 -20.45 -3.86
C SER A 57 0.50 -19.91 -2.58
N THR A 58 1.58 -19.14 -2.76
CA THR A 58 2.26 -18.50 -1.62
C THR A 58 1.27 -17.56 -0.89
N CYS A 59 0.58 -16.68 -1.64
CA CYS A 59 -0.39 -15.77 -1.04
C CYS A 59 -1.45 -16.52 -0.27
N ARG A 60 -1.74 -17.76 -0.70
CA ARG A 60 -2.78 -18.57 -0.01
C ARG A 60 -2.34 -19.42 1.19
N SER A 61 -1.08 -19.36 1.54
CA SER A 61 -0.61 -20.13 2.67
C SER A 61 -0.33 -19.15 3.81
N PRO A 62 -1.16 -19.19 4.87
CA PRO A 62 -0.94 -18.28 6.01
C PRO A 62 0.48 -18.34 6.52
N GLU A 63 1.04 -19.56 6.69
CA GLU A 63 2.40 -19.64 7.21
C GLU A 63 3.42 -19.05 6.30
N ALA A 64 3.24 -19.25 5.01
CA ALA A 64 4.21 -18.70 4.07
C ALA A 64 4.12 -17.15 4.09
N CYS A 65 2.90 -16.61 4.15
CA CYS A 65 2.74 -15.13 4.17
C CYS A 65 3.33 -14.56 5.44
N CYS A 66 3.05 -15.24 6.56
CA CYS A 66 3.60 -14.83 7.83
C CYS A 66 5.10 -14.84 7.78
N GLU A 67 5.72 -15.90 7.26
CA GLU A 67 7.17 -15.95 7.19
C GLU A 67 7.76 -14.80 6.36
N LEU A 68 7.18 -14.58 5.18
CA LEU A 68 7.69 -13.52 4.30
C LEU A 68 7.51 -12.18 5.01
N THR A 69 6.38 -11.98 5.67
CA THR A 69 6.18 -10.74 6.40
C THR A 69 7.26 -10.49 7.48
N LEU A 70 7.62 -11.55 8.21
CA LEU A 70 8.61 -11.43 9.28
C LEU A 70 10.06 -11.31 8.86
N GLN A 71 10.40 -11.89 7.69
CA GLN A 71 11.80 -11.83 7.26
C GLN A 71 12.49 -10.46 7.33
N PRO A 72 11.85 -9.40 6.77
CA PRO A 72 12.56 -8.12 6.87
C PRO A 72 12.75 -7.61 8.33
N LEU A 73 11.79 -7.94 9.19
CA LEU A 73 11.89 -7.54 10.57
C LEU A 73 13.05 -8.25 11.31
N ARG A 74 13.51 -9.40 10.82
CA ARG A 74 14.63 -10.05 11.48
C ARG A 74 15.91 -9.38 11.07
N ARG A 75 15.91 -8.67 9.94
CA ARG A 75 17.10 -8.01 9.49
C ARG A 75 17.19 -6.57 9.94
N PHE A 76 16.04 -5.91 9.98
CA PHE A 76 16.07 -4.49 10.27
C PHE A 76 15.03 -4.08 11.30
N PRO A 77 15.35 -3.04 12.09
CA PRO A 77 14.38 -2.58 13.10
C PRO A 77 13.33 -1.64 12.50
N LEU A 78 12.49 -2.21 11.60
CA LEU A 78 11.45 -1.46 10.91
C LEU A 78 10.35 -1.19 11.92
N ASP A 79 9.64 -0.07 11.79
CA ASP A 79 8.60 0.27 12.73
C ASP A 79 7.22 -0.21 12.39
N ALA A 80 7.08 -0.96 11.30
CA ALA A 80 5.78 -1.56 10.97
C ALA A 80 6.05 -2.75 10.07
N ALA A 81 5.15 -3.71 10.11
CA ALA A 81 5.25 -4.84 9.18
C ALA A 81 4.07 -4.65 8.25
N ILE A 82 4.19 -5.10 7.00
CA ILE A 82 3.01 -5.04 6.14
C ILE A 82 2.76 -6.48 5.68
N ILE A 83 1.53 -6.93 5.76
CA ILE A 83 1.21 -8.28 5.38
C ILE A 83 1.65 -8.62 3.94
N PHE A 84 2.27 -9.79 3.77
CA PHE A 84 2.61 -10.21 2.42
C PHE A 84 1.34 -10.67 1.69
N SER A 85 1.05 -10.05 0.54
CA SER A 85 -0.10 -10.45 -0.24
C SER A 85 0.13 -9.76 -1.59
N ASP A 86 -0.93 -9.56 -2.36
CA ASP A 86 -0.77 -8.86 -3.64
C ASP A 86 -2.04 -8.11 -3.89
N ILE A 87 -1.98 -6.93 -4.53
CA ILE A 87 -3.22 -6.20 -4.80
C ILE A 87 -4.15 -6.97 -5.77
N LEU A 88 -3.57 -7.87 -6.58
CA LEU A 88 -4.36 -8.63 -7.55
C LEU A 88 -5.27 -9.73 -6.96
N VAL A 89 -5.14 -9.98 -5.65
CA VAL A 89 -6.06 -10.96 -5.07
C VAL A 89 -7.52 -10.56 -5.18
N VAL A 90 -7.82 -9.24 -5.22
CA VAL A 90 -9.21 -8.76 -5.31
C VAL A 90 -9.82 -9.07 -6.69
N PRO A 91 -9.18 -8.66 -7.82
CA PRO A 91 -9.83 -8.99 -9.09
C PRO A 91 -9.94 -10.55 -9.27
N GLN A 92 -8.97 -11.29 -8.71
CA GLN A 92 -9.04 -12.76 -8.77
C GLN A 92 -10.28 -13.28 -7.98
N ALA A 93 -10.54 -12.73 -6.78
CA ALA A 93 -11.72 -13.13 -5.99
C ALA A 93 -12.99 -12.68 -6.68
N LEU A 94 -12.87 -11.68 -7.56
CA LEU A 94 -14.02 -11.19 -8.33
C LEU A 94 -14.35 -12.14 -9.50
N GLY A 95 -13.49 -13.13 -9.76
CA GLY A 95 -13.82 -14.09 -10.81
C GLY A 95 -12.88 -14.09 -11.99
N MET A 96 -11.86 -13.23 -11.98
CA MET A 96 -10.90 -13.18 -13.07
C MET A 96 -9.73 -14.10 -12.84
N GLU A 97 -9.29 -14.75 -13.92
CA GLU A 97 -8.17 -15.69 -13.86
C GLU A 97 -6.88 -14.94 -14.08
N VAL A 98 -5.93 -15.09 -13.16
CA VAL A 98 -4.64 -14.36 -13.18
C VAL A 98 -3.53 -15.37 -13.19
N THR A 99 -2.37 -14.95 -13.69
CA THR A 99 -1.19 -15.81 -13.77
C THR A 99 0.00 -14.89 -13.43
N MET A 100 0.97 -15.40 -12.67
CA MET A 100 2.11 -14.58 -12.30
C MET A 100 3.36 -15.21 -12.87
N VAL A 101 3.53 -15.04 -14.19
CA VAL A 101 4.68 -15.55 -14.94
C VAL A 101 5.94 -14.67 -14.60
N PRO A 102 6.92 -15.24 -13.86
CA PRO A 102 8.18 -14.61 -13.41
C PRO A 102 8.89 -13.64 -14.36
N GLY A 103 8.94 -14.00 -15.64
CA GLY A 103 9.59 -13.13 -16.63
C GLY A 103 8.76 -11.90 -16.94
N LYS A 104 7.45 -12.09 -17.13
CA LYS A 104 6.53 -11.00 -17.47
C LYS A 104 5.99 -10.15 -16.30
N GLY A 105 5.33 -10.83 -15.37
CA GLY A 105 4.72 -10.16 -14.24
C GLY A 105 3.28 -10.68 -14.15
N PRO A 106 2.33 -9.88 -13.61
CA PRO A 106 0.96 -10.37 -13.50
C PRO A 106 0.29 -10.39 -14.87
N SER A 107 -0.63 -11.30 -15.08
CA SER A 107 -1.35 -11.31 -16.36
C SER A 107 -2.76 -11.89 -16.25
N PHE A 108 -3.69 -11.26 -16.95
CA PHE A 108 -5.07 -11.72 -17.03
C PHE A 108 -5.19 -12.03 -18.50
N PRO A 109 -5.11 -13.32 -18.88
CA PRO A 109 -5.22 -13.75 -20.27
C PRO A 109 -6.53 -13.32 -20.92
N GLU A 110 -7.57 -13.13 -20.10
CA GLU A 110 -8.86 -12.68 -20.60
C GLU A 110 -9.28 -11.39 -19.88
N PRO A 111 -8.71 -10.26 -20.30
CA PRO A 111 -9.05 -8.97 -19.70
C PRO A 111 -10.45 -8.50 -20.03
N LEU A 112 -10.95 -7.60 -19.20
CA LEU A 112 -12.25 -7.01 -19.47
C LEU A 112 -12.05 -6.03 -20.69
N ARG A 113 -12.87 -6.19 -21.72
CA ARG A 113 -12.73 -5.27 -22.87
C ARG A 113 -14.01 -4.64 -23.29
N GLU A 114 -15.13 -5.26 -23.01
CA GLU A 114 -16.35 -4.62 -23.38
C GLU A 114 -17.23 -4.64 -22.16
N GLU A 115 -18.29 -3.87 -22.22
CA GLU A 115 -19.17 -3.75 -21.09
C GLU A 115 -19.77 -5.08 -20.62
N GLN A 116 -20.10 -5.92 -21.58
CA GLN A 116 -20.72 -7.21 -21.25
C GLN A 116 -19.79 -8.11 -20.41
N ASP A 117 -18.49 -7.87 -20.48
CA ASP A 117 -17.55 -8.64 -19.72
C ASP A 117 -17.74 -8.46 -18.21
N LEU A 118 -18.43 -7.39 -17.77
CA LEU A 118 -18.65 -7.19 -16.34
C LEU A 118 -19.58 -8.29 -15.78
N GLU A 119 -20.39 -8.89 -16.63
CA GLU A 119 -21.31 -9.96 -16.22
C GLU A 119 -20.60 -11.21 -15.66
N ARG A 120 -19.32 -11.38 -15.91
CA ARG A 120 -18.72 -12.59 -15.39
C ARG A 120 -18.19 -12.39 -13.98
N LEU A 121 -18.23 -11.16 -13.47
CA LEU A 121 -17.68 -10.91 -12.14
C LEU A 121 -18.64 -11.36 -11.00
N ARG A 122 -18.10 -11.73 -9.84
CA ARG A 122 -18.94 -12.10 -8.70
C ARG A 122 -19.58 -10.82 -8.14
N ASP A 123 -20.66 -10.99 -7.36
CA ASP A 123 -21.32 -9.89 -6.66
C ASP A 123 -20.20 -9.46 -5.68
N PRO A 124 -19.87 -8.16 -5.62
CA PRO A 124 -18.79 -7.75 -4.71
C PRO A 124 -18.98 -8.15 -3.22
N GLU A 125 -20.24 -8.38 -2.83
CA GLU A 125 -20.59 -8.77 -1.45
C GLU A 125 -20.02 -10.11 -1.04
N VAL A 126 -19.68 -10.96 -2.01
CA VAL A 126 -19.13 -12.25 -1.67
C VAL A 126 -17.61 -12.35 -1.73
N VAL A 127 -16.95 -11.26 -2.10
CA VAL A 127 -15.52 -11.30 -2.23
C VAL A 127 -14.73 -11.56 -0.96
N ALA A 128 -15.18 -10.96 0.14
CA ALA A 128 -14.46 -11.12 1.39
C ALA A 128 -14.43 -12.60 1.78
N SER A 129 -15.48 -13.37 1.51
CA SER A 129 -15.44 -14.79 1.86
C SER A 129 -14.45 -15.52 1.00
N GLU A 130 -14.26 -15.05 -0.22
CA GLU A 130 -13.26 -15.64 -1.10
C GLU A 130 -11.84 -15.30 -0.67
N LEU A 131 -11.70 -14.26 0.14
CA LEU A 131 -10.39 -13.82 0.60
C LEU A 131 -10.07 -14.19 2.07
N GLY A 132 -10.74 -15.22 2.57
CA GLY A 132 -10.48 -15.70 3.91
C GLY A 132 -9.03 -16.07 4.16
N TYR A 133 -8.30 -16.53 3.14
CA TYR A 133 -6.91 -16.87 3.35
C TYR A 133 -6.04 -15.68 3.74
N VAL A 134 -6.45 -14.49 3.28
CA VAL A 134 -5.67 -13.30 3.61
C VAL A 134 -5.97 -13.00 5.10
N PHE A 135 -7.22 -13.14 5.51
CA PHE A 135 -7.57 -12.85 6.92
C PHE A 135 -6.79 -13.82 7.84
N GLN A 136 -6.67 -15.07 7.40
CA GLN A 136 -5.91 -16.05 8.17
C GLN A 136 -4.46 -15.68 8.30
N ALA A 137 -3.84 -15.20 7.21
CA ALA A 137 -2.44 -14.86 7.26
C ALA A 137 -2.24 -13.65 8.21
N ILE A 138 -3.18 -12.70 8.16
CA ILE A 138 -3.12 -11.52 9.00
C ILE A 138 -3.19 -11.90 10.51
N THR A 139 -4.16 -12.74 10.88
CA THR A 139 -4.34 -13.19 12.27
C THR A 139 -3.10 -13.93 12.72
N LEU A 140 -2.61 -14.82 11.87
CA LEU A 140 -1.42 -15.53 12.19
C LEU A 140 -0.19 -14.64 12.41
N THR A 141 0.08 -13.73 11.48
CA THR A 141 1.25 -12.84 11.59
C THR A 141 1.11 -11.91 12.82
N ARG A 142 -0.08 -11.42 13.09
CA ARG A 142 -0.31 -10.52 14.23
C ARG A 142 0.08 -11.31 15.52
N GLN A 143 -0.30 -12.60 15.56
CA GLN A 143 0.05 -13.42 16.74
C GLN A 143 1.54 -13.61 16.83
N ARG A 144 2.15 -14.03 15.71
CA ARG A 144 3.59 -14.29 15.73
C ARG A 144 4.44 -13.04 15.98
N LEU A 145 3.98 -11.87 15.53
CA LEU A 145 4.74 -10.62 15.73
C LEU A 145 4.81 -10.32 17.21
N ALA A 146 3.83 -10.87 17.95
CA ALA A 146 3.77 -10.76 19.40
C ALA A 146 3.86 -9.31 19.90
N GLY A 147 3.20 -8.39 19.17
CA GLY A 147 3.24 -6.99 19.56
C GLY A 147 4.53 -6.22 19.28
N ARG A 148 5.48 -6.78 18.54
CA ARG A 148 6.72 -6.05 18.29
C ARG A 148 6.49 -4.68 17.65
N VAL A 149 5.69 -4.63 16.58
CA VAL A 149 5.37 -3.38 15.85
C VAL A 149 4.00 -3.62 15.23
N PRO A 150 3.33 -2.56 14.75
CA PRO A 150 2.00 -2.68 14.12
C PRO A 150 2.05 -3.43 12.77
N LEU A 151 0.95 -4.08 12.43
CA LEU A 151 0.80 -4.82 11.18
C LEU A 151 -0.16 -4.04 10.28
N ILE A 152 0.35 -3.68 9.09
CA ILE A 152 -0.40 -2.93 8.09
C ILE A 152 -1.06 -3.89 7.07
N GLY A 153 -2.35 -3.72 6.83
CA GLY A 153 -3.10 -4.48 5.84
C GLY A 153 -3.15 -3.58 4.60
N PHE A 154 -3.59 -4.08 3.44
CA PHE A 154 -3.61 -3.20 2.25
C PHE A 154 -4.40 -3.77 1.08
N ALA A 155 -4.70 -2.92 0.10
CA ALA A 155 -5.41 -3.31 -1.12
C ALA A 155 -5.09 -2.23 -2.17
N GLY A 156 -5.37 -2.59 -3.42
CA GLY A 156 -5.17 -1.64 -4.51
C GLY A 156 -6.40 -0.75 -4.54
N ALA A 157 -6.24 0.47 -5.01
CA ALA A 157 -7.38 1.40 -5.12
C ALA A 157 -8.24 1.00 -6.36
N PRO A 158 -9.53 1.39 -6.42
CA PRO A 158 -10.43 1.03 -7.53
C PRO A 158 -9.89 1.31 -8.94
N TRP A 159 -9.41 2.53 -9.21
CA TRP A 159 -8.87 2.81 -10.56
C TRP A 159 -7.68 1.91 -10.89
N THR A 160 -6.72 1.79 -9.98
CA THR A 160 -5.57 0.98 -10.24
C THR A 160 -5.97 -0.50 -10.52
N LEU A 161 -6.92 -1.03 -9.76
CA LEU A 161 -7.35 -2.41 -9.98
C LEU A 161 -8.04 -2.48 -11.32
N MET A 162 -8.84 -1.47 -11.66
CA MET A 162 -9.50 -1.43 -12.97
C MET A 162 -8.44 -1.49 -14.06
N THR A 163 -7.35 -0.76 -13.90
CA THR A 163 -6.33 -0.80 -14.94
C THR A 163 -5.82 -2.25 -15.21
N TYR A 164 -5.57 -3.00 -14.16
CA TYR A 164 -5.08 -4.37 -14.38
C TYR A 164 -6.14 -5.21 -15.03
N MET A 165 -7.39 -5.03 -14.64
CA MET A 165 -8.47 -5.83 -15.20
C MET A 165 -8.73 -5.59 -16.68
N VAL A 166 -8.58 -4.33 -17.09
CA VAL A 166 -8.83 -3.95 -18.49
C VAL A 166 -7.59 -4.11 -19.35
N GLU A 167 -6.42 -3.71 -18.85
CA GLU A 167 -5.19 -3.85 -19.61
C GLU A 167 -4.72 -5.32 -19.67
N GLY A 168 -5.05 -6.11 -18.64
CA GLY A 168 -4.61 -7.50 -18.58
C GLY A 168 -3.21 -7.62 -17.96
N GLY A 169 -2.62 -6.52 -17.47
CA GLY A 169 -1.30 -6.54 -16.88
C GLY A 169 -0.86 -5.07 -16.83
N GLY A 170 0.44 -4.81 -16.74
CA GLY A 170 0.96 -3.44 -16.70
C GLY A 170 0.90 -2.77 -18.07
N SER A 171 1.19 -1.48 -18.15
CA SER A 171 1.13 -0.72 -19.40
C SER A 171 1.83 0.59 -19.17
N SER A 172 2.51 1.11 -20.20
CA SER A 172 3.18 2.39 -20.05
C SER A 172 2.22 3.57 -20.27
N THR A 173 1.04 3.31 -20.81
CA THR A 173 0.11 4.38 -21.12
C THR A 173 -1.31 4.23 -20.57
N MET A 174 -1.67 3.00 -20.15
CA MET A 174 -3.03 2.71 -19.73
C MET A 174 -4.03 3.17 -20.82
N ALA A 175 -3.68 3.01 -22.09
CA ALA A 175 -4.52 3.45 -23.20
C ALA A 175 -5.82 2.72 -23.29
N GLN A 176 -5.84 1.41 -22.93
CA GLN A 176 -7.10 0.66 -23.00
C GLN A 176 -8.03 1.06 -21.87
N ALA A 177 -7.49 1.20 -20.66
CA ALA A 177 -8.28 1.55 -19.48
C ALA A 177 -8.77 3.01 -19.63
N LYS A 178 -7.91 3.92 -20.08
CA LYS A 178 -8.33 5.35 -20.29
C LYS A 178 -9.34 5.45 -21.41
N ARG A 179 -9.21 4.57 -22.40
CA ARG A 179 -10.20 4.53 -23.47
C ARG A 179 -11.55 4.17 -22.86
N TRP A 180 -11.56 3.26 -21.88
CA TRP A 180 -12.82 2.95 -21.20
C TRP A 180 -13.37 4.23 -20.50
N LEU A 181 -12.52 4.99 -19.82
CA LEU A 181 -13.00 6.21 -19.14
C LEU A 181 -13.66 7.22 -20.10
N TYR A 182 -13.05 7.38 -21.25
CA TYR A 182 -13.56 8.33 -22.29
C TYR A 182 -14.70 7.82 -23.16
N GLN A 183 -14.65 6.53 -23.55
CA GLN A 183 -15.70 5.97 -24.41
C GLN A 183 -16.77 5.21 -23.72
N ARG A 184 -16.46 4.64 -22.53
CA ARG A 184 -17.47 3.87 -21.78
C ARG A 184 -17.54 4.43 -20.36
N PRO A 185 -17.88 5.74 -20.23
CA PRO A 185 -17.91 6.26 -18.84
C PRO A 185 -18.85 5.55 -17.87
N GLN A 186 -20.04 5.19 -18.34
CA GLN A 186 -20.98 4.52 -17.46
C GLN A 186 -20.45 3.16 -17.01
N ALA A 187 -19.95 2.36 -17.95
CA ALA A 187 -19.42 1.04 -17.61
C ALA A 187 -18.25 1.19 -16.67
N SER A 188 -17.47 2.25 -16.89
CA SER A 188 -16.32 2.51 -16.05
C SER A 188 -16.78 2.76 -14.63
N HIS A 189 -17.74 3.66 -14.44
CA HIS A 189 -18.24 3.90 -13.07
C HIS A 189 -18.82 2.59 -12.47
N GLN A 190 -19.52 1.81 -13.28
CA GLN A 190 -20.10 0.56 -12.82
C GLN A 190 -18.99 -0.34 -12.25
N LEU A 191 -17.91 -0.51 -13.04
CA LEU A 191 -16.76 -1.32 -12.61
C LEU A 191 -16.07 -0.74 -11.38
N LEU A 192 -15.89 0.57 -11.32
CA LEU A 192 -15.25 1.17 -10.16
C LEU A 192 -16.10 0.99 -8.90
N ARG A 193 -17.40 1.04 -9.04
CA ARG A 193 -18.33 0.84 -7.93
C ARG A 193 -18.28 -0.63 -7.49
N ILE A 194 -18.21 -1.58 -8.43
CA ILE A 194 -18.09 -3.03 -8.06
C ILE A 194 -16.80 -3.22 -7.24
N LEU A 195 -15.71 -2.60 -7.70
CA LEU A 195 -14.45 -2.69 -7.03
C LEU A 195 -14.53 -2.07 -5.62
N THR A 196 -15.15 -0.91 -5.49
CA THR A 196 -15.29 -0.27 -4.18
C THR A 196 -16.09 -1.18 -3.22
N ASP A 197 -17.21 -1.69 -3.69
CA ASP A 197 -18.09 -2.55 -2.91
C ASP A 197 -17.41 -3.88 -2.47
N ALA A 198 -16.39 -4.34 -3.20
CA ALA A 198 -15.61 -5.51 -2.82
C ALA A 198 -14.48 -5.09 -1.88
N LEU A 199 -13.84 -3.95 -2.12
CA LEU A 199 -12.73 -3.49 -1.27
C LEU A 199 -13.14 -3.15 0.17
N VAL A 200 -14.29 -2.50 0.33
CA VAL A 200 -14.73 -2.10 1.66
C VAL A 200 -14.82 -3.34 2.63
N PRO A 201 -15.62 -4.37 2.28
CA PRO A 201 -15.69 -5.52 3.20
C PRO A 201 -14.33 -6.27 3.31
N TYR A 202 -13.51 -6.23 2.27
CA TYR A 202 -12.23 -6.86 2.36
C TYR A 202 -11.34 -6.11 3.35
N LEU A 203 -11.24 -4.79 3.21
CA LEU A 203 -10.41 -4.02 4.14
C LEU A 203 -10.93 -4.11 5.62
N VAL A 204 -12.24 -4.05 5.79
CA VAL A 204 -12.88 -4.20 7.13
C VAL A 204 -12.48 -5.59 7.68
N GLY A 205 -12.59 -6.64 6.85
CA GLY A 205 -12.18 -7.99 7.28
C GLY A 205 -10.71 -8.06 7.67
N GLN A 206 -9.84 -7.30 7.00
CA GLN A 206 -8.44 -7.31 7.33
C GLN A 206 -8.22 -6.76 8.76
N VAL A 207 -8.99 -5.73 9.09
CA VAL A 207 -8.83 -5.13 10.43
C VAL A 207 -9.43 -6.13 11.49
N VAL A 208 -10.61 -6.70 11.20
CA VAL A 208 -11.26 -7.70 12.05
C VAL A 208 -10.23 -8.84 12.31
N ALA A 209 -9.44 -9.22 11.29
CA ALA A 209 -8.42 -10.28 11.43
C ALA A 209 -7.20 -9.84 12.16
N GLY A 210 -7.05 -8.54 12.42
CA GLY A 210 -5.86 -8.12 13.13
C GLY A 210 -5.03 -6.95 12.60
N ALA A 211 -5.30 -6.49 11.38
CA ALA A 211 -4.54 -5.35 10.80
C ALA A 211 -4.78 -4.13 11.71
N GLN A 212 -3.71 -3.37 11.95
CA GLN A 212 -3.71 -2.20 12.79
C GLN A 212 -3.61 -0.86 12.05
N ALA A 213 -3.50 -0.92 10.71
CA ALA A 213 -3.43 0.28 9.83
C ALA A 213 -3.76 -0.30 8.44
N LEU A 214 -4.20 0.53 7.49
CA LEU A 214 -4.51 0.05 6.14
C LEU A 214 -3.89 0.99 5.10
N GLN A 215 -3.34 0.46 4.01
CA GLN A 215 -2.82 1.34 2.95
C GLN A 215 -3.52 0.97 1.67
N LEU A 216 -4.03 1.99 0.98
CA LEU A 216 -4.71 1.79 -0.32
C LEU A 216 -3.65 2.29 -1.37
N PHE A 217 -3.27 1.38 -2.28
CA PHE A 217 -2.27 1.64 -3.30
C PHE A 217 -2.92 2.06 -4.62
N GLU A 218 -2.90 3.37 -4.92
CA GLU A 218 -3.41 3.90 -6.22
C GLU A 218 -2.09 4.07 -7.05
N SER A 219 -1.43 2.95 -7.34
CA SER A 219 -0.14 2.95 -8.04
C SER A 219 -0.17 3.52 -9.47
N HIS A 220 -1.33 3.49 -10.09
CA HIS A 220 -1.47 3.97 -11.47
C HIS A 220 -2.16 5.32 -11.60
N ALA A 221 -2.09 6.11 -10.54
CA ALA A 221 -2.75 7.42 -10.52
C ALA A 221 -2.20 8.38 -11.60
N GLY A 222 -0.89 8.33 -11.79
CA GLY A 222 -0.20 9.23 -12.69
C GLY A 222 -0.59 9.29 -14.14
N HIS A 223 -1.20 8.22 -14.65
CA HIS A 223 -1.63 8.17 -16.03
C HIS A 223 -2.81 9.08 -16.26
N LEU A 224 -3.56 9.37 -15.20
CA LEU A 224 -4.72 10.25 -15.28
C LEU A 224 -4.25 11.72 -14.99
N GLY A 225 -4.84 12.70 -15.60
CA GLY A 225 -4.45 14.02 -15.15
C GLY A 225 -5.52 14.34 -14.09
N PRO A 226 -5.56 15.60 -13.65
CA PRO A 226 -6.51 16.08 -12.63
C PRO A 226 -7.94 15.79 -12.97
N GLN A 227 -8.39 16.17 -14.16
CA GLN A 227 -9.77 15.97 -14.50
C GLN A 227 -10.32 14.56 -14.46
N LEU A 228 -9.59 13.62 -15.06
CA LEU A 228 -10.06 12.23 -15.06
C LEU A 228 -9.92 11.65 -13.65
N PHE A 229 -8.86 12.04 -12.97
CA PHE A 229 -8.61 11.55 -11.63
C PHE A 229 -9.76 11.97 -10.70
N ASN A 230 -10.19 13.24 -10.80
CA ASN A 230 -11.28 13.71 -9.95
C ASN A 230 -12.58 13.09 -10.31
N LYS A 231 -12.75 12.71 -11.58
CA LYS A 231 -14.02 12.08 -11.97
C LYS A 231 -14.11 10.58 -11.62
N PHE A 232 -13.03 9.87 -11.88
CA PHE A 232 -13.01 8.38 -11.77
C PHE A 232 -12.20 7.72 -10.67
N ALA A 233 -11.17 8.39 -10.16
CA ALA A 233 -10.36 7.79 -9.13
C ALA A 233 -10.76 8.34 -7.74
N LEU A 234 -10.72 9.67 -7.60
CA LEU A 234 -11.02 10.30 -6.31
C LEU A 234 -12.36 9.95 -5.59
N PRO A 235 -13.48 9.85 -6.30
CA PRO A 235 -14.72 9.53 -5.59
C PRO A 235 -14.68 8.21 -4.88
N TYR A 236 -14.12 7.21 -5.56
CA TYR A 236 -14.01 5.86 -5.00
C TYR A 236 -12.95 5.79 -3.93
N ILE A 237 -11.87 6.56 -4.05
CA ILE A 237 -10.88 6.60 -3.01
C ILE A 237 -11.57 7.20 -1.72
N ARG A 238 -12.42 8.22 -1.88
CA ARG A 238 -13.10 8.82 -0.74
C ARG A 238 -14.08 7.85 -0.13
N ASP A 239 -14.79 7.15 -0.99
CA ASP A 239 -15.77 6.18 -0.52
C ASP A 239 -15.21 5.02 0.26
N VAL A 240 -14.04 4.56 -0.14
CA VAL A 240 -13.42 3.44 0.54
C VAL A 240 -13.16 3.85 1.98
N ALA A 241 -12.53 5.01 2.20
CA ALA A 241 -12.22 5.43 3.56
C ALA A 241 -13.48 5.68 4.38
N LYS A 242 -14.48 6.32 3.80
CA LYS A 242 -15.68 6.62 4.54
C LYS A 242 -16.38 5.35 4.98
N GLN A 243 -16.54 4.42 4.04
CA GLN A 243 -17.26 3.22 4.36
C GLN A 243 -16.49 2.27 5.26
N VAL A 244 -15.17 2.23 5.16
CA VAL A 244 -14.43 1.33 6.01
C VAL A 244 -14.56 1.80 7.47
N LYS A 245 -14.37 3.09 7.70
CA LYS A 245 -14.47 3.65 9.06
C LYS A 245 -15.87 3.43 9.61
N ALA A 246 -16.90 3.63 8.81
CA ALA A 246 -18.29 3.43 9.22
C ALA A 246 -18.59 2.00 9.63
N ARG A 247 -18.13 1.05 8.84
CA ARG A 247 -18.37 -0.34 9.18
C ARG A 247 -17.60 -0.76 10.41
N LEU A 248 -16.36 -0.32 10.55
CA LEU A 248 -15.62 -0.68 11.72
C LEU A 248 -16.35 -0.12 12.95
N ARG A 249 -16.84 1.12 12.89
CA ARG A 249 -17.55 1.71 14.04
C ARG A 249 -18.78 0.89 14.41
N GLU A 250 -19.57 0.56 13.40
CA GLU A 250 -20.79 -0.21 13.63
C GLU A 250 -20.51 -1.57 14.17
N ALA A 251 -19.33 -2.08 13.93
CA ALA A 251 -18.95 -3.40 14.39
C ALA A 251 -18.38 -3.35 15.78
N GLY A 252 -18.25 -2.18 16.36
CA GLY A 252 -17.68 -2.07 17.69
C GLY A 252 -16.15 -2.00 17.75
N LEU A 253 -15.48 -1.92 16.61
CA LEU A 253 -14.02 -1.89 16.58
C LEU A 253 -13.49 -0.45 16.47
N ALA A 254 -12.24 -0.26 16.78
CA ALA A 254 -11.62 1.07 16.70
C ALA A 254 -11.12 1.32 15.26
N PRO A 255 -11.53 2.46 14.58
CA PRO A 255 -10.92 2.55 13.24
C PRO A 255 -9.40 2.58 13.36
N VAL A 256 -8.74 2.31 12.26
CA VAL A 256 -7.31 2.27 12.23
C VAL A 256 -6.85 3.43 11.30
N PRO A 257 -5.60 3.86 11.42
CA PRO A 257 -5.16 4.93 10.52
C PRO A 257 -5.16 4.37 9.04
N MET A 258 -5.58 5.19 8.07
CA MET A 258 -5.64 4.74 6.66
C MET A 258 -4.68 5.61 5.83
N ILE A 259 -3.88 4.99 4.95
CA ILE A 259 -2.88 5.70 4.12
C ILE A 259 -3.31 5.62 2.65
N ILE A 260 -3.32 6.76 1.94
CA ILE A 260 -3.64 6.75 0.53
C ILE A 260 -2.34 7.03 -0.20
N PHE A 261 -1.90 6.10 -1.06
CA PHE A 261 -0.65 6.30 -1.81
C PHE A 261 -0.98 6.40 -3.31
N ALA A 262 -0.91 7.60 -3.88
CA ALA A 262 -1.18 7.80 -5.29
C ALA A 262 0.18 8.02 -5.98
N LYS A 263 0.74 6.96 -6.57
CA LYS A 263 2.04 7.07 -7.20
C LYS A 263 1.89 8.02 -8.43
N ASP A 264 2.83 8.96 -8.57
CA ASP A 264 2.82 9.99 -9.62
C ASP A 264 1.58 10.88 -9.52
N GLY A 265 1.01 10.97 -8.32
CA GLY A 265 -0.19 11.78 -8.11
C GLY A 265 0.03 13.22 -7.59
N HIS A 266 1.17 13.86 -7.95
CA HIS A 266 1.47 15.24 -7.55
C HIS A 266 0.27 16.16 -7.72
N PHE A 267 -0.47 15.98 -8.80
CA PHE A 267 -1.56 16.87 -9.11
C PHE A 267 -2.77 16.70 -8.26
N ALA A 268 -2.82 15.64 -7.45
CA ALA A 268 -4.01 15.41 -6.65
C ALA A 268 -3.78 15.53 -5.16
N LEU A 269 -2.60 15.92 -4.75
CA LEU A 269 -2.29 15.99 -3.31
C LEU A 269 -3.25 16.84 -2.50
N GLU A 270 -3.70 17.94 -3.07
CA GLU A 270 -4.62 18.73 -2.35
C GLU A 270 -5.96 18.00 -2.10
N GLU A 271 -6.51 17.33 -3.08
CA GLU A 271 -7.77 16.62 -2.84
C GLU A 271 -7.55 15.42 -1.93
N LEU A 272 -6.41 14.75 -2.11
CA LEU A 272 -6.10 13.55 -1.33
C LEU A 272 -6.01 13.88 0.13
N ALA A 273 -5.47 15.04 0.45
CA ALA A 273 -5.39 15.46 1.86
C ALA A 273 -6.80 15.69 2.48
N GLN A 274 -7.85 15.73 1.67
CA GLN A 274 -9.20 15.91 2.18
C GLN A 274 -10.04 14.72 1.92
N ALA A 275 -9.40 13.62 1.54
CA ALA A 275 -10.15 12.42 1.18
C ALA A 275 -10.53 11.45 2.31
N GLY A 276 -10.13 11.77 3.55
CA GLY A 276 -10.54 10.96 4.69
C GLY A 276 -9.47 10.02 5.17
N TYR A 277 -8.24 10.22 4.72
CA TYR A 277 -7.10 9.39 5.12
C TYR A 277 -6.23 10.19 6.07
N GLU A 278 -5.72 9.50 7.07
CA GLU A 278 -4.83 10.08 8.03
C GLU A 278 -3.47 10.37 7.43
N VAL A 279 -3.02 9.51 6.50
CA VAL A 279 -1.69 9.65 5.92
C VAL A 279 -1.76 9.70 4.38
N VAL A 280 -0.97 10.59 3.78
CA VAL A 280 -0.91 10.71 2.30
C VAL A 280 0.53 10.30 1.94
N GLY A 281 0.66 9.21 1.17
CA GLY A 281 2.00 8.73 0.79
C GLY A 281 2.48 9.42 -0.49
N LEU A 282 3.76 9.63 -0.60
CA LEU A 282 4.27 10.38 -1.73
C LEU A 282 5.31 9.63 -2.50
N ASP A 283 5.38 9.90 -3.81
CA ASP A 283 6.43 9.34 -4.63
C ASP A 283 7.63 10.30 -4.49
N TRP A 284 8.80 9.91 -4.96
CA TRP A 284 10.01 10.72 -4.81
C TRP A 284 10.11 11.97 -5.72
N THR A 285 9.16 12.16 -6.62
CA THR A 285 9.24 13.31 -7.52
C THR A 285 8.67 14.58 -6.90
N VAL A 286 7.91 14.43 -5.84
CA VAL A 286 7.33 15.59 -5.17
C VAL A 286 8.29 16.06 -4.05
N ALA A 287 8.79 17.29 -4.12
CA ALA A 287 9.70 17.80 -3.07
C ALA A 287 8.88 17.81 -1.76
N PRO A 288 9.47 17.31 -0.63
CA PRO A 288 8.70 17.28 0.64
C PRO A 288 8.06 18.61 1.01
N LYS A 289 8.78 19.70 0.86
CA LYS A 289 8.18 20.99 1.24
C LYS A 289 7.03 21.37 0.38
N LYS A 290 7.05 21.05 -0.91
CA LYS A 290 5.91 21.40 -1.74
C LYS A 290 4.73 20.53 -1.40
N ALA A 291 5.00 19.26 -1.09
CA ALA A 291 3.92 18.34 -0.68
C ALA A 291 3.25 18.90 0.60
N ARG A 292 4.06 19.38 1.53
CA ARG A 292 3.50 19.93 2.77
C ARG A 292 2.56 21.11 2.46
N GLU A 293 2.99 22.00 1.56
CA GLU A 293 2.15 23.14 1.18
C GLU A 293 0.86 22.60 0.61
N CYS A 294 0.93 21.60 -0.28
CA CYS A 294 -0.29 21.08 -0.91
C CYS A 294 -1.27 20.43 0.03
N VAL A 295 -0.76 19.66 0.98
CA VAL A 295 -1.66 18.91 1.85
C VAL A 295 -2.12 19.66 3.09
N GLY A 296 -1.32 20.62 3.55
CA GLY A 296 -1.73 21.37 4.71
C GLY A 296 -0.99 20.91 5.93
N LYS A 297 -1.48 21.33 7.11
CA LYS A 297 -0.78 21.02 8.37
C LYS A 297 -1.45 19.97 9.23
N THR A 298 -2.52 19.41 8.71
CA THR A 298 -3.26 18.39 9.40
C THR A 298 -2.84 16.92 9.18
N VAL A 299 -2.84 16.46 7.92
CA VAL A 299 -2.47 15.06 7.56
C VAL A 299 -1.02 14.74 7.76
N THR A 300 -0.72 13.45 7.92
CA THR A 300 0.65 13.00 8.06
C THR A 300 1.12 12.61 6.64
N LEU A 301 2.38 12.90 6.34
CA LEU A 301 2.94 12.55 5.04
C LEU A 301 3.77 11.31 5.23
N GLN A 302 3.82 10.44 4.19
CA GLN A 302 4.68 9.24 4.26
C GLN A 302 5.59 9.25 3.01
N GLY A 303 6.85 8.85 3.15
CA GLY A 303 7.72 8.78 1.99
C GLY A 303 9.05 9.39 2.32
N ASN A 304 9.82 9.76 1.29
CA ASN A 304 9.44 9.50 -0.11
C ASN A 304 10.78 9.33 -0.87
N LEU A 305 11.78 8.74 -0.23
CA LEU A 305 13.07 8.61 -0.90
C LEU A 305 13.05 7.80 -2.21
N ASP A 306 13.76 8.34 -3.22
CA ASP A 306 13.86 7.63 -4.50
C ASP A 306 14.37 6.23 -4.16
N PRO A 307 13.63 5.17 -4.56
CA PRO A 307 14.15 3.83 -4.23
C PRO A 307 15.56 3.59 -4.80
N CYS A 308 15.85 4.18 -5.97
CA CYS A 308 17.18 4.01 -6.57
C CYS A 308 18.28 4.65 -5.78
N ALA A 309 17.93 5.56 -4.87
CA ALA A 309 18.94 6.15 -4.03
C ALA A 309 19.63 5.04 -3.24
N LEU A 310 18.95 3.91 -3.04
CA LEU A 310 19.57 2.83 -2.28
C LEU A 310 20.76 2.18 -3.02
N TYR A 311 21.00 2.57 -4.30
CA TYR A 311 22.16 2.06 -5.07
C TYR A 311 23.38 2.88 -4.72
N ALA A 312 23.20 4.02 -4.07
CA ALA A 312 24.31 4.84 -3.66
C ALA A 312 24.97 4.15 -2.43
N SER A 313 26.15 4.61 -2.04
CA SER A 313 26.87 4.02 -0.88
C SER A 313 26.06 4.24 0.41
N GLU A 314 26.41 3.48 1.44
CA GLU A 314 25.68 3.63 2.69
C GLU A 314 25.86 5.04 3.21
N GLU A 315 27.07 5.57 3.07
CA GLU A 315 27.36 6.93 3.50
C GLU A 315 26.51 7.94 2.72
N GLU A 316 26.36 7.78 1.41
CA GLU A 316 25.51 8.73 0.66
C GLU A 316 24.06 8.60 1.04
N ILE A 317 23.62 7.35 1.26
CA ILE A 317 22.24 7.10 1.68
C ILE A 317 21.96 7.89 2.97
N GLY A 318 22.92 7.85 3.90
CA GLY A 318 22.78 8.61 5.15
C GLY A 318 22.57 10.10 4.92
N GLN A 319 23.33 10.70 3.99
CA GLN A 319 23.19 12.13 3.70
C GLN A 319 21.87 12.45 3.01
N LEU A 320 21.49 11.60 2.05
CA LEU A 320 20.25 11.81 1.34
C LEU A 320 19.11 11.72 2.34
N VAL A 321 19.21 10.78 3.28
CA VAL A 321 18.17 10.66 4.30
C VAL A 321 18.15 11.89 5.17
N LYS A 322 19.33 12.37 5.57
CA LYS A 322 19.40 13.57 6.43
C LYS A 322 18.69 14.75 5.76
N GLN A 323 18.96 14.92 4.47
CA GLN A 323 18.32 15.99 3.73
C GLN A 323 16.81 15.79 3.62
N MET A 324 16.38 14.56 3.40
CA MET A 324 14.97 14.31 3.28
C MET A 324 14.25 14.68 4.60
N LEU A 325 14.82 14.22 5.71
CA LEU A 325 14.20 14.52 7.04
C LEU A 325 14.16 16.04 7.36
N ASP A 326 15.21 16.77 6.94
CA ASP A 326 15.24 18.24 7.13
C ASP A 326 14.10 18.88 6.38
N ASP A 327 13.77 18.34 5.19
CA ASP A 327 12.69 18.93 4.45
C ASP A 327 11.32 18.59 5.01
N PHE A 328 11.16 17.37 5.48
CA PHE A 328 9.85 17.02 6.01
C PHE A 328 9.61 17.64 7.38
N GLY A 329 10.67 17.76 8.18
CA GLY A 329 10.48 18.28 9.50
C GLY A 329 10.07 17.13 10.43
N PRO A 330 10.16 17.37 11.74
CA PRO A 330 9.83 16.34 12.73
C PRO A 330 8.38 16.11 13.09
N HIS A 331 7.41 16.65 12.35
CA HIS A 331 6.03 16.44 12.75
C HIS A 331 5.30 15.80 11.62
N ARG A 332 4.24 15.06 11.96
CA ARG A 332 3.33 14.46 11.01
C ARG A 332 4.06 13.84 9.81
N TYR A 333 5.00 12.94 10.11
CA TYR A 333 5.80 12.29 9.09
C TYR A 333 6.20 10.85 9.42
N ILE A 334 6.01 9.96 8.42
CA ILE A 334 6.43 8.54 8.52
C ILE A 334 7.38 8.39 7.32
N ALA A 335 8.61 7.98 7.58
CA ALA A 335 9.58 7.77 6.50
C ALA A 335 9.30 6.45 5.74
N ASN A 336 9.65 6.48 4.45
CA ASN A 336 9.48 5.32 3.56
C ASN A 336 10.13 5.78 2.24
N LEU A 337 10.23 4.86 1.29
CA LEU A 337 10.75 5.18 -0.04
C LEU A 337 9.57 5.77 -0.77
N GLY A 338 9.86 6.28 -1.99
CA GLY A 338 8.83 6.81 -2.85
C GLY A 338 8.09 5.76 -3.69
N HIS A 339 8.56 4.52 -3.59
CA HIS A 339 7.91 3.36 -4.25
C HIS A 339 8.51 2.07 -3.63
N GLY A 340 8.07 0.87 -4.05
CA GLY A 340 8.64 -0.32 -3.47
C GLY A 340 10.09 -0.59 -3.82
N LEU A 341 10.79 -1.36 -2.97
CA LEU A 341 12.17 -1.80 -3.18
C LEU A 341 12.25 -2.62 -4.48
N TYR A 342 13.34 -2.49 -5.21
CA TYR A 342 13.55 -3.20 -6.49
C TYR A 342 14.31 -4.49 -6.18
N PRO A 343 14.09 -5.55 -6.99
CA PRO A 343 14.72 -6.88 -6.81
C PRO A 343 16.22 -6.92 -6.73
N ASP A 344 16.90 -5.95 -7.31
CA ASP A 344 18.38 -6.00 -7.30
C ASP A 344 19.05 -5.12 -6.23
N MET A 345 18.25 -4.56 -5.29
CA MET A 345 18.80 -3.73 -4.25
C MET A 345 19.49 -4.54 -3.17
N ASP A 346 20.46 -3.95 -2.50
CA ASP A 346 21.26 -4.63 -1.50
C ASP A 346 20.63 -4.50 -0.11
N PRO A 347 20.32 -5.64 0.56
CA PRO A 347 19.73 -5.63 1.91
C PRO A 347 20.50 -4.73 2.88
N GLU A 348 21.82 -4.68 2.75
CA GLU A 348 22.60 -3.82 3.63
C GLU A 348 22.29 -2.35 3.43
N HIS A 349 21.97 -1.96 2.19
CA HIS A 349 21.61 -0.56 1.89
C HIS A 349 20.21 -0.23 2.44
N VAL A 350 19.33 -1.23 2.50
CA VAL A 350 18.01 -1.05 3.07
C VAL A 350 18.21 -0.81 4.60
N GLY A 351 19.12 -1.57 5.19
CA GLY A 351 19.45 -1.43 6.61
C GLY A 351 20.01 -0.05 6.88
N ALA A 352 20.88 0.43 5.99
CA ALA A 352 21.47 1.77 6.10
C ALA A 352 20.38 2.83 6.07
N PHE A 353 19.37 2.62 5.22
CA PHE A 353 18.25 3.56 5.12
C PHE A 353 17.50 3.62 6.47
N VAL A 354 17.15 2.44 7.00
CA VAL A 354 16.42 2.35 8.24
C VAL A 354 17.16 3.02 9.38
N ASP A 355 18.45 2.71 9.50
CA ASP A 355 19.28 3.26 10.57
C ASP A 355 19.44 4.76 10.47
N ALA A 356 19.59 5.29 9.25
CA ALA A 356 19.73 6.73 9.03
C ALA A 356 18.47 7.48 9.43
N VAL A 357 17.32 6.92 9.15
CA VAL A 357 16.11 7.63 9.53
C VAL A 357 16.04 7.75 11.07
N HIS A 358 16.35 6.65 11.75
CA HIS A 358 16.30 6.64 13.23
C HIS A 358 17.34 7.60 13.79
N LYS A 359 18.56 7.48 13.30
CA LYS A 359 19.60 8.36 13.78
C LYS A 359 19.31 9.84 13.55
N HIS A 360 19.07 10.21 12.30
CA HIS A 360 18.82 11.62 12.00
C HIS A 360 17.55 12.21 12.55
N SER A 361 16.49 11.43 12.68
CA SER A 361 15.25 11.98 13.24
C SER A 361 15.43 12.33 14.77
N ARG A 362 16.27 11.56 15.45
CA ARG A 362 16.51 11.84 16.86
C ARG A 362 17.36 13.09 16.98
N LEU A 363 18.38 13.21 16.15
CA LEU A 363 19.24 14.39 16.18
C LEU A 363 18.41 15.60 15.88
N LEU A 364 17.45 15.48 14.99
CA LEU A 364 16.62 16.61 14.60
C LEU A 364 15.62 17.07 15.69
N ARG A 365 15.56 16.35 16.81
CA ARG A 365 14.59 16.67 17.89
C ARG A 365 15.34 17.09 19.15
N GLN A 366 16.55 16.61 19.27
CA GLN A 366 17.37 16.91 20.42
C GLN A 366 18.46 17.80 19.84
C1 BME B . 2.68 8.42 -15.35
C2 BME B . 3.52 7.13 -15.38
O1 BME B . 3.36 9.44 -14.65
S2 BME B . 3.19 6.24 -13.84
#